data_3D2X
#
_entry.id   3D2X
#
_cell.length_a   75.497
_cell.length_b   111.172
_cell.length_c   55.375
_cell.angle_alpha   90.00
_cell.angle_beta   90.00
_cell.angle_gamma   90.00
#
_symmetry.space_group_name_H-M   'P 21 21 2'
#
loop_
_entity.id
_entity.type
_entity.pdbx_description
1 polymer 'TPP-specific riboswitch'
2 non-polymer 'MAGNESIUM ION'
3 non-polymer 3-[(4-hydroxy-2-methylpyrimidin-5-yl)methyl]-5-(2-{[(R)-hydroxy(phosphonooxy)phosphoryl]oxy}ethyl)-4-methyl-1,3-thiazol-3-ium
4 water water
#
_entity_poly.entity_id   1
_entity_poly.type   'polyribonucleotide'
_entity_poly.pdbx_seq_one_letter_code
;GGGACCAGGGGUGCUUGUUCACAGGCUGAGAAAGUCCCUUUGAACCUGAACAGGGUAAUGCCUGCGCAGGGAGUGUC
;
_entity_poly.pdbx_strand_id   A,B
#